data_5ALJ
#
_entry.id   5ALJ
#
_cell.length_a   92.695
_cell.length_b   92.695
_cell.length_c   245.690
_cell.angle_alpha   90.00
_cell.angle_beta   90.00
_cell.angle_gamma   120.00
#
_symmetry.space_group_name_H-M   'P 65 2 2'
#
loop_
_entity.id
_entity.type
_entity.pdbx_description
1 polymer 'BIFUNCTIONAL EPOXIDE HYDROLASE 2'
2 non-polymer 'SULFATE ION'
3 non-polymer GLYCEROL
4 non-polymer 2-(3-fluoro-4-methyl-anilino)-4-methyl-quinolin-5-ol
5 water water
#
_entity_poly.entity_id   1
_entity_poly.type   'polypeptide(L)'
_entity_poly.pdbx_seq_one_letter_code
;GMTLRAAVFDLDGVLALPAVFGVLGRTEEALALPRGLLNDAFQKGGPEGATTRLMKGEITLSQWIPLMEENCRKCSETAK
VCLPKNFSIKEIFDKAISARKINRPMLQAALMLRKKGFTTAILTNTWLDDRAERDGLAQLMCELKMHFDFLIESCQVGMV
KPEPQIYKFLLDTLKASPSEVVFLDDIGANLKPARDLGMVTILVQDTDTALKELEKVTGIQLLNTPAPLPTSCNPSDMSH
GYVTVKPRVRLHFVELGSGPAVCLCHGFPESWYSWRYQIPALAQAGYRVLAMDMKGYGESSAPPEIEEYCMEVLCKEMVT
FLDKLGLSQAVFIGHDWGGMLVWYMALFYPERVRAVASLNTPFIPANPNMSPLESIKANPVFDYQLYFQEPGVAEAELEQ
NLSRTFKSLFRASDESVLSMHKVCEAGGLFVNSPEEPSLSRMVTEEEIQFYVQQFKKSGFRGPLNWYRNMERNWKWACKS
LGRKILIPALMVTAEKDFVLVPQMSQHMEDWIPHLKRGHIEDCGHWTQMDKPTEVNQILIKWLDSDARN
;
_entity_poly.pdbx_strand_id   A
#
loop_
_chem_comp.id
_chem_comp.type
_chem_comp.name
_chem_comp.formula
GOL non-polymer GLYCEROL 'C3 H8 O3'
SO4 non-polymer 'SULFATE ION' 'O4 S -2'
T5J non-polymer 2-(3-fluoro-4-methyl-anilino)-4-methyl-quinolin-5-ol 'C17 H15 F N2 O'
#
# COMPACT_ATOMS: atom_id res chain seq x y z
N THR A 3 -23.46 -13.03 -21.72
CA THR A 3 -22.42 -12.05 -21.39
C THR A 3 -21.51 -12.52 -20.24
N LEU A 4 -20.20 -12.30 -20.41
CA LEU A 4 -19.18 -12.68 -19.42
C LEU A 4 -19.22 -11.83 -18.16
N ARG A 5 -19.04 -12.50 -17.00
CA ARG A 5 -19.01 -11.82 -15.69
C ARG A 5 -17.94 -12.39 -14.73
N ALA A 6 -17.18 -13.38 -15.20
CA ALA A 6 -16.09 -13.99 -14.43
C ALA A 6 -14.89 -14.29 -15.27
N ALA A 7 -13.70 -14.01 -14.71
CA ALA A 7 -12.41 -14.31 -15.35
C ALA A 7 -11.56 -15.16 -14.42
N VAL A 8 -11.04 -16.26 -14.95
CA VAL A 8 -10.27 -17.24 -14.17
C VAL A 8 -8.89 -17.34 -14.79
N PHE A 9 -7.87 -17.23 -13.95
CA PHE A 9 -6.49 -17.26 -14.40
C PHE A 9 -5.69 -18.35 -13.74
N ASP A 10 -4.83 -19.00 -14.53
CA ASP A 10 -3.88 -19.97 -13.98
C ASP A 10 -2.76 -19.14 -13.33
N LEU A 11 -1.93 -19.78 -12.48
CA LEU A 11 -0.78 -19.13 -11.86
C LEU A 11 0.46 -19.34 -12.76
N ASP A 12 1.04 -20.55 -12.78
CA ASP A 12 2.26 -20.82 -13.55
C ASP A 12 2.06 -20.58 -15.05
N GLY A 13 2.85 -19.67 -15.62
CA GLY A 13 2.78 -19.31 -17.03
C GLY A 13 1.72 -18.32 -17.42
N VAL A 14 0.88 -17.88 -16.46
CA VAL A 14 -0.18 -16.93 -16.73
C VAL A 14 -0.01 -15.71 -15.84
N LEU A 15 -0.19 -15.87 -14.51
CA LEU A 15 -0.04 -14.75 -13.57
C LEU A 15 1.41 -14.63 -13.06
N ALA A 16 2.20 -15.69 -13.26
CA ALA A 16 3.59 -15.72 -12.82
C ALA A 16 4.52 -16.26 -13.90
N LEU A 17 5.62 -15.52 -14.17
CA LEU A 17 6.61 -15.86 -15.20
C LEU A 17 8.07 -15.72 -14.72
N PRO A 18 9.02 -16.53 -15.25
CA PRO A 18 8.84 -17.64 -16.20
C PRO A 18 8.20 -18.86 -15.54
N ALA A 19 7.47 -19.67 -16.32
CA ALA A 19 6.80 -20.88 -15.83
C ALA A 19 7.80 -21.87 -15.22
N VAL A 20 7.45 -22.49 -14.07
CA VAL A 20 8.30 -23.47 -13.38
C VAL A 20 8.50 -24.74 -14.26
N PHE A 21 7.51 -25.04 -15.14
CA PHE A 21 7.51 -26.13 -16.13
C PHE A 21 8.65 -25.94 -17.16
N GLY A 22 8.87 -24.69 -17.57
CA GLY A 22 9.88 -24.30 -18.55
C GLY A 22 11.33 -24.38 -18.11
N VAL A 23 11.56 -24.63 -16.81
CA VAL A 23 12.90 -24.77 -16.22
C VAL A 23 13.43 -26.21 -16.40
N LEU A 24 12.53 -27.21 -16.46
CA LEU A 24 12.88 -28.61 -16.70
C LEU A 24 13.61 -28.74 -18.07
N GLY A 25 13.04 -28.10 -19.10
CA GLY A 25 13.57 -28.05 -20.46
C GLY A 25 14.89 -27.31 -20.56
N ARG A 26 15.02 -26.20 -19.80
CA ARG A 26 16.23 -25.39 -19.76
C ARG A 26 17.38 -26.13 -19.08
N THR A 27 17.08 -26.91 -18.02
CA THR A 27 18.07 -27.70 -17.29
C THR A 27 18.62 -28.80 -18.21
N GLU A 28 17.72 -29.48 -18.95
CA GLU A 28 18.03 -30.51 -19.93
C GLU A 28 19.03 -29.95 -20.98
N GLU A 29 18.75 -28.76 -21.53
CA GLU A 29 19.58 -28.08 -22.53
C GLU A 29 20.91 -27.62 -21.96
N ALA A 30 20.91 -27.11 -20.70
CA ALA A 30 22.13 -26.66 -20.03
C ALA A 30 23.04 -27.83 -19.71
N LEU A 31 22.46 -28.95 -19.24
CA LEU A 31 23.25 -30.13 -18.89
C LEU A 31 23.47 -31.10 -20.05
N ALA A 32 22.98 -30.72 -21.27
CA ALA A 32 23.02 -31.49 -22.52
C ALA A 32 22.51 -32.94 -22.30
N LEU A 33 21.39 -33.05 -21.59
CA LEU A 33 20.71 -34.31 -21.29
C LEU A 33 19.73 -34.62 -22.43
N PRO A 34 19.27 -35.90 -22.60
CA PRO A 34 18.26 -36.19 -23.63
C PRO A 34 17.01 -35.31 -23.48
N ARG A 35 16.46 -34.87 -24.62
CA ARG A 35 15.30 -33.99 -24.67
C ARG A 35 14.10 -34.61 -23.97
N GLY A 36 13.45 -33.79 -23.15
CA GLY A 36 12.26 -34.15 -22.38
C GLY A 36 12.46 -35.18 -21.28
N LEU A 37 13.73 -35.45 -20.90
CA LEU A 37 14.11 -36.41 -19.84
C LEU A 37 13.54 -35.98 -18.46
N LEU A 38 13.79 -34.72 -18.06
CA LEU A 38 13.33 -34.18 -16.79
C LEU A 38 11.83 -33.93 -16.74
N ASN A 39 11.21 -33.64 -17.90
CA ASN A 39 9.79 -33.40 -18.01
C ASN A 39 9.06 -34.73 -17.92
N ASP A 40 9.72 -35.80 -18.37
CA ASP A 40 9.19 -37.15 -18.35
C ASP A 40 9.19 -37.74 -16.94
N ALA A 41 10.32 -37.57 -16.21
CA ALA A 41 10.48 -38.00 -14.83
C ALA A 41 9.44 -37.30 -13.92
N PHE A 42 9.18 -36.01 -14.21
CA PHE A 42 8.21 -35.15 -13.54
C PHE A 42 6.79 -35.72 -13.69
N GLN A 43 6.38 -36.10 -14.91
CA GLN A 43 5.02 -36.61 -15.14
C GLN A 43 4.85 -38.15 -15.07
N LYS A 44 5.92 -38.87 -14.64
CA LYS A 44 5.95 -40.33 -14.54
C LYS A 44 4.86 -40.93 -13.62
N GLY A 45 4.04 -41.79 -14.19
CA GLY A 45 2.96 -42.49 -13.50
C GLY A 45 1.59 -41.91 -13.74
N GLY A 46 1.53 -40.78 -14.44
CA GLY A 46 0.31 -40.05 -14.76
C GLY A 46 -0.52 -39.69 -13.55
N PRO A 47 -1.82 -40.08 -13.52
CA PRO A 47 -2.67 -39.77 -12.33
C PRO A 47 -2.37 -40.66 -11.12
N GLU A 48 -1.47 -41.64 -11.29
CA GLU A 48 -1.06 -42.55 -10.24
C GLU A 48 0.30 -42.15 -9.66
N GLY A 49 1.03 -41.31 -10.40
CA GLY A 49 2.36 -40.86 -10.06
C GLY A 49 2.52 -39.90 -8.89
N ALA A 50 3.79 -39.73 -8.48
CA ALA A 50 4.29 -38.89 -7.38
C ALA A 50 3.85 -37.41 -7.51
N THR A 51 3.87 -36.86 -8.75
CA THR A 51 3.48 -35.48 -9.02
C THR A 51 1.99 -35.29 -8.83
N THR A 52 1.17 -36.27 -9.23
CA THR A 52 -0.28 -36.17 -9.02
C THR A 52 -0.60 -36.15 -7.53
N ARG A 53 0.09 -36.99 -6.75
CA ARG A 53 -0.05 -37.06 -5.28
C ARG A 53 0.33 -35.72 -4.65
N LEU A 54 1.45 -35.13 -5.09
CA LEU A 54 1.93 -33.83 -4.66
C LEU A 54 0.87 -32.73 -4.97
N MET A 55 0.39 -32.68 -6.23
CA MET A 55 -0.60 -31.70 -6.67
C MET A 55 -1.98 -31.83 -5.98
N LYS A 56 -2.33 -33.03 -5.50
CA LYS A 56 -3.58 -33.30 -4.80
C LYS A 56 -3.46 -33.02 -3.29
N GLY A 57 -2.23 -32.86 -2.81
CA GLY A 57 -1.93 -32.57 -1.42
C GLY A 57 -1.73 -33.79 -0.55
N GLU A 58 -1.56 -34.98 -1.16
CA GLU A 58 -1.34 -36.23 -0.43
C GLU A 58 0.02 -36.23 0.24
N ILE A 59 0.98 -35.56 -0.41
CA ILE A 59 2.37 -35.45 0.04
C ILE A 59 2.84 -34.01 -0.12
N THR A 60 3.87 -33.61 0.63
CA THR A 60 4.44 -32.26 0.58
C THR A 60 5.59 -32.21 -0.42
N LEU A 61 6.03 -30.99 -0.81
CA LEU A 61 7.14 -30.80 -1.74
C LEU A 61 8.41 -31.51 -1.27
N SER A 62 8.78 -31.38 0.03
CA SER A 62 9.96 -32.06 0.57
C SER A 62 9.89 -33.59 0.49
N GLN A 63 8.69 -34.17 0.62
CA GLN A 63 8.48 -35.61 0.48
C GLN A 63 8.61 -36.02 -1.02
N TRP A 64 8.19 -35.16 -1.94
CA TRP A 64 8.22 -35.38 -3.40
C TRP A 64 9.64 -35.35 -4.00
N ILE A 65 10.53 -34.42 -3.57
CA ILE A 65 11.94 -34.31 -4.05
C ILE A 65 12.63 -35.70 -4.20
N PRO A 66 12.66 -36.59 -3.17
CA PRO A 66 13.30 -37.91 -3.36
C PRO A 66 12.59 -38.80 -4.38
N LEU A 67 11.26 -38.72 -4.48
CA LEU A 67 10.49 -39.52 -5.44
C LEU A 67 10.79 -39.06 -6.87
N MET A 68 10.91 -37.72 -7.10
CA MET A 68 11.27 -37.13 -8.40
C MET A 68 12.72 -37.51 -8.80
N GLU A 69 13.66 -37.51 -7.83
CA GLU A 69 15.06 -37.92 -8.03
C GLU A 69 15.07 -39.37 -8.56
N GLU A 70 14.06 -40.15 -8.13
CA GLU A 70 13.87 -41.53 -8.55
C GLU A 70 13.44 -41.74 -9.96
N ASN A 71 12.39 -41.03 -10.36
CA ASN A 71 11.89 -41.05 -11.72
C ASN A 71 12.98 -40.57 -12.69
N CYS A 72 13.87 -39.64 -12.23
CA CYS A 72 15.03 -39.14 -12.99
C CYS A 72 16.07 -40.25 -13.19
N ARG A 73 16.29 -41.09 -12.16
CA ARG A 73 17.21 -42.23 -12.21
C ARG A 73 16.60 -43.33 -13.10
N PHE A 87 22.97 -34.21 -10.37
CA PHE A 87 22.93 -32.91 -9.70
C PHE A 87 21.90 -32.91 -8.52
N SER A 88 20.98 -31.91 -8.46
CA SER A 88 20.01 -31.76 -7.39
C SER A 88 18.65 -31.21 -7.85
N ILE A 89 17.56 -31.96 -7.58
CA ILE A 89 16.20 -31.54 -7.90
C ILE A 89 15.83 -30.35 -7.03
N LYS A 90 16.17 -30.41 -5.72
CA LYS A 90 15.93 -29.33 -4.77
C LYS A 90 16.53 -28.03 -5.32
N GLU A 91 17.83 -28.06 -5.71
CA GLU A 91 18.55 -26.90 -6.25
C GLU A 91 17.89 -26.30 -7.50
N ILE A 92 17.50 -27.18 -8.46
CA ILE A 92 16.83 -26.80 -9.71
C ILE A 92 15.49 -26.09 -9.40
N PHE A 93 14.65 -26.70 -8.54
CA PHE A 93 13.35 -26.13 -8.16
C PHE A 93 13.44 -24.85 -7.34
N ASP A 94 14.41 -24.78 -6.40
CA ASP A 94 14.69 -23.61 -5.58
C ASP A 94 14.97 -22.41 -6.46
N LYS A 95 15.82 -22.58 -7.51
CA LYS A 95 16.18 -21.49 -8.46
C LYS A 95 14.99 -21.08 -9.33
N ALA A 96 14.24 -22.07 -9.83
CA ALA A 96 13.04 -21.91 -10.66
C ALA A 96 11.92 -21.15 -9.92
N ILE A 97 11.70 -21.47 -8.63
CA ILE A 97 10.68 -20.83 -7.79
C ILE A 97 11.09 -19.38 -7.49
N SER A 98 12.37 -19.17 -7.10
CA SER A 98 12.95 -17.85 -6.83
C SER A 98 12.85 -16.92 -8.05
N ALA A 99 13.13 -17.46 -9.25
CA ALA A 99 13.11 -16.69 -10.50
C ALA A 99 11.71 -16.29 -10.94
N ARG A 100 10.69 -17.11 -10.63
CA ARG A 100 9.30 -16.86 -11.01
C ARG A 100 8.72 -15.60 -10.32
N LYS A 101 8.35 -14.60 -11.14
CA LYS A 101 7.83 -13.30 -10.69
C LYS A 101 6.42 -13.09 -11.22
N ILE A 102 5.68 -12.17 -10.59
CA ILE A 102 4.33 -11.77 -10.98
C ILE A 102 4.40 -11.23 -12.40
N ASN A 103 3.46 -11.67 -13.25
CA ASN A 103 3.34 -11.19 -14.62
C ASN A 103 2.50 -9.92 -14.50
N ARG A 104 3.19 -8.77 -14.36
CA ARG A 104 2.54 -7.48 -14.15
C ARG A 104 1.40 -7.11 -15.10
N PRO A 105 1.58 -7.11 -16.45
CA PRO A 105 0.43 -6.80 -17.33
C PRO A 105 -0.77 -7.72 -17.15
N MET A 106 -0.55 -9.01 -16.83
CA MET A 106 -1.64 -9.97 -16.61
C MET A 106 -2.41 -9.58 -15.34
N LEU A 107 -1.67 -9.29 -14.22
CA LEU A 107 -2.28 -8.83 -12.97
C LEU A 107 -3.11 -7.58 -13.21
N GLN A 108 -2.53 -6.63 -13.97
CA GLN A 108 -3.15 -5.35 -14.34
C GLN A 108 -4.48 -5.56 -15.05
N ALA A 109 -4.53 -6.50 -16.02
CA ALA A 109 -5.75 -6.86 -16.76
C ALA A 109 -6.79 -7.50 -15.80
N ALA A 110 -6.35 -8.40 -14.86
CA ALA A 110 -7.24 -9.00 -13.85
C ALA A 110 -7.82 -7.92 -12.96
N LEU A 111 -7.00 -6.92 -12.60
CA LEU A 111 -7.39 -5.77 -11.79
C LEU A 111 -8.45 -4.90 -12.49
N MET A 112 -8.26 -4.64 -13.78
CA MET A 112 -9.17 -3.86 -14.60
C MET A 112 -10.58 -4.54 -14.74
N LEU A 113 -10.61 -5.88 -14.95
CA LEU A 113 -11.86 -6.65 -15.07
C LEU A 113 -12.66 -6.63 -13.77
N ARG A 114 -11.98 -6.83 -12.60
CA ARG A 114 -12.61 -6.80 -11.27
C ARG A 114 -13.23 -5.42 -11.00
N LYS A 115 -12.50 -4.35 -11.40
CA LYS A 115 -12.90 -2.94 -11.25
C LYS A 115 -14.19 -2.68 -12.03
N LYS A 116 -14.33 -3.33 -13.20
CA LYS A 116 -15.48 -3.26 -14.09
C LYS A 116 -16.63 -4.25 -13.75
N GLY A 117 -16.55 -4.88 -12.56
CA GLY A 117 -17.59 -5.79 -12.06
C GLY A 117 -17.41 -7.29 -12.20
N PHE A 118 -16.30 -7.75 -12.80
CA PHE A 118 -16.04 -9.19 -12.95
C PHE A 118 -15.64 -9.85 -11.64
N THR A 119 -16.07 -11.11 -11.46
CA THR A 119 -15.68 -11.95 -10.33
C THR A 119 -14.38 -12.59 -10.82
N THR A 120 -13.27 -12.39 -10.11
CA THR A 120 -12.00 -12.96 -10.56
C THR A 120 -11.52 -14.05 -9.66
N ALA A 121 -10.81 -15.02 -10.25
CA ALA A 121 -10.27 -16.13 -9.50
C ALA A 121 -8.99 -16.68 -10.10
N ILE A 122 -8.17 -17.30 -9.25
CA ILE A 122 -6.95 -18.01 -9.62
C ILE A 122 -7.26 -19.49 -9.42
N LEU A 123 -7.02 -20.29 -10.44
CA LEU A 123 -7.18 -21.75 -10.36
C LEU A 123 -5.82 -22.34 -10.70
N THR A 124 -5.19 -23.01 -9.72
CA THR A 124 -3.84 -23.51 -9.93
C THR A 124 -3.57 -24.91 -9.39
N ASN A 125 -2.66 -25.63 -10.11
CA ASN A 125 -2.11 -26.93 -9.74
C ASN A 125 -0.85 -26.60 -9.00
N THR A 126 -0.91 -26.71 -7.66
CA THR A 126 0.18 -26.35 -6.77
C THR A 126 0.39 -27.39 -5.71
N TRP A 127 1.37 -27.16 -4.85
CA TRP A 127 1.81 -28.09 -3.82
C TRP A 127 1.89 -27.41 -2.46
N LEU A 128 2.00 -28.24 -1.42
CA LEU A 128 2.21 -27.83 -0.04
C LEU A 128 3.72 -27.71 0.11
N ASP A 129 4.21 -26.47 0.21
CA ASP A 129 5.64 -26.14 0.25
C ASP A 129 6.18 -26.06 1.67
N ASP A 130 7.02 -27.04 2.05
CA ASP A 130 7.64 -27.15 3.36
C ASP A 130 9.17 -26.98 3.26
N ARG A 131 9.67 -26.45 2.12
CA ARG A 131 11.11 -26.23 1.90
C ARG A 131 11.59 -25.15 2.86
N ALA A 132 12.89 -25.15 3.18
CA ALA A 132 13.49 -24.16 4.08
C ALA A 132 13.24 -22.76 3.54
N GLU A 133 13.16 -22.63 2.19
CA GLU A 133 12.95 -21.37 1.49
C GLU A 133 11.53 -21.11 0.94
N ARG A 134 10.49 -21.77 1.55
CA ARG A 134 9.06 -21.64 1.23
C ARG A 134 8.53 -20.18 1.32
N ASP A 135 9.18 -19.32 2.13
CA ASP A 135 8.74 -17.92 2.30
C ASP A 135 8.62 -17.09 1.01
N GLY A 136 9.57 -17.25 0.10
CA GLY A 136 9.55 -16.53 -1.18
C GLY A 136 8.24 -16.73 -1.92
N LEU A 137 7.79 -18.00 -2.02
CA LEU A 137 6.52 -18.36 -2.66
C LEU A 137 5.33 -17.87 -1.81
N ALA A 138 5.40 -18.02 -0.46
CA ALA A 138 4.33 -17.56 0.44
C ALA A 138 4.09 -16.05 0.18
N GLN A 139 5.18 -15.26 0.08
CA GLN A 139 5.15 -13.82 -0.25
C GLN A 139 4.49 -13.56 -1.62
N LEU A 140 4.80 -14.40 -2.63
CA LEU A 140 4.26 -14.23 -3.97
C LEU A 140 2.75 -14.41 -3.96
N MET A 141 2.29 -15.52 -3.37
CA MET A 141 0.87 -15.85 -3.26
C MET A 141 0.10 -14.80 -2.50
N CYS A 142 0.69 -14.25 -1.42
CA CYS A 142 0.07 -13.18 -0.66
C CYS A 142 -0.15 -11.95 -1.47
N GLU A 143 0.87 -11.51 -2.24
CA GLU A 143 0.74 -10.33 -3.09
C GLU A 143 -0.36 -10.51 -4.14
N LEU A 144 -0.36 -11.64 -4.86
CA LEU A 144 -1.36 -11.92 -5.88
C LEU A 144 -2.78 -12.06 -5.37
N LYS A 145 -3.00 -12.92 -4.37
CA LYS A 145 -4.34 -13.28 -3.85
C LYS A 145 -5.24 -12.17 -3.43
N MET A 146 -4.69 -11.12 -2.79
CA MET A 146 -5.46 -9.97 -2.31
C MET A 146 -6.27 -9.28 -3.44
N HIS A 147 -5.86 -9.51 -4.69
CA HIS A 147 -6.44 -8.87 -5.87
C HIS A 147 -7.56 -9.65 -6.51
N PHE A 148 -7.89 -10.84 -5.96
CA PHE A 148 -8.88 -11.74 -6.54
C PHE A 148 -9.99 -12.12 -5.58
N ASP A 149 -11.17 -12.50 -6.11
CA ASP A 149 -12.28 -12.94 -5.27
C ASP A 149 -11.99 -14.31 -4.67
N PHE A 150 -11.39 -15.22 -5.46
CA PHE A 150 -11.08 -16.58 -5.02
C PHE A 150 -9.70 -17.05 -5.45
N LEU A 151 -9.14 -17.94 -4.65
CA LEU A 151 -7.91 -18.65 -4.91
C LEU A 151 -8.20 -20.14 -4.72
N ILE A 152 -8.19 -20.94 -5.81
CA ILE A 152 -8.45 -22.37 -5.73
C ILE A 152 -7.15 -23.09 -6.07
N GLU A 153 -6.60 -23.77 -5.06
CA GLU A 153 -5.34 -24.51 -5.11
C GLU A 153 -5.64 -25.99 -5.09
N SER A 154 -5.07 -26.72 -6.05
CA SER A 154 -5.27 -28.16 -6.22
C SER A 154 -4.99 -28.96 -4.93
N CYS A 155 -3.87 -28.63 -4.23
CA CYS A 155 -3.43 -29.29 -3.01
C CYS A 155 -4.35 -29.06 -1.79
N GLN A 156 -5.20 -28.02 -1.85
CA GLN A 156 -6.18 -27.71 -0.80
C GLN A 156 -7.54 -28.36 -1.04
N VAL A 157 -7.89 -28.56 -2.32
CA VAL A 157 -9.17 -29.16 -2.70
C VAL A 157 -9.08 -30.65 -3.05
N GLY A 158 -7.85 -31.19 -3.07
CA GLY A 158 -7.59 -32.59 -3.38
C GLY A 158 -8.05 -33.04 -4.75
N MET A 159 -8.09 -32.08 -5.69
CA MET A 159 -8.56 -32.21 -7.08
C MET A 159 -7.51 -31.55 -7.94
N VAL A 160 -7.44 -31.90 -9.23
CA VAL A 160 -6.38 -31.37 -10.10
C VAL A 160 -6.85 -31.12 -11.53
N LYS A 161 -6.28 -30.12 -12.24
CA LYS A 161 -6.57 -29.95 -13.66
C LYS A 161 -5.74 -31.06 -14.35
N PRO A 162 -6.26 -31.81 -15.34
CA PRO A 162 -7.52 -31.63 -16.09
C PRO A 162 -8.73 -32.45 -15.66
N GLU A 163 -8.81 -32.93 -14.41
CA GLU A 163 -9.94 -33.73 -13.91
C GLU A 163 -11.22 -32.91 -13.96
N PRO A 164 -12.35 -33.46 -14.45
CA PRO A 164 -13.56 -32.62 -14.61
C PRO A 164 -14.19 -32.00 -13.37
N GLN A 165 -14.02 -32.62 -12.19
CA GLN A 165 -14.58 -32.18 -10.90
C GLN A 165 -14.09 -30.80 -10.46
N ILE A 166 -12.79 -30.50 -10.67
CA ILE A 166 -12.21 -29.19 -10.29
C ILE A 166 -12.91 -28.01 -11.00
N TYR A 167 -13.36 -28.24 -12.26
CA TYR A 167 -14.07 -27.29 -13.12
C TYR A 167 -15.49 -27.06 -12.64
N LYS A 168 -16.16 -28.14 -12.18
CA LYS A 168 -17.52 -28.06 -11.64
C LYS A 168 -17.44 -27.35 -10.27
N PHE A 169 -16.34 -27.62 -9.52
CA PHE A 169 -16.06 -26.99 -8.22
C PHE A 169 -15.83 -25.49 -8.45
N LEU A 170 -15.05 -25.13 -9.51
CA LEU A 170 -14.77 -23.73 -9.88
C LEU A 170 -16.07 -22.98 -10.19
N LEU A 171 -16.96 -23.60 -11.00
CA LEU A 171 -18.26 -23.00 -11.34
C LEU A 171 -19.12 -22.81 -10.10
N ASP A 172 -19.10 -23.80 -9.20
CA ASP A 172 -19.84 -23.76 -7.94
C ASP A 172 -19.35 -22.61 -7.06
N THR A 173 -18.00 -22.42 -6.91
CA THR A 173 -17.47 -21.32 -6.10
C THR A 173 -17.79 -19.96 -6.73
N LEU A 174 -17.69 -19.90 -8.08
CA LEU A 174 -17.99 -18.68 -8.85
C LEU A 174 -19.47 -18.33 -8.88
N LYS A 175 -20.38 -19.34 -8.67
CA LYS A 175 -21.85 -19.20 -8.72
C LYS A 175 -22.28 -18.65 -10.11
N ALA A 176 -21.65 -19.19 -11.17
CA ALA A 176 -21.87 -18.80 -12.56
C ALA A 176 -21.93 -20.02 -13.45
N SER A 177 -22.61 -19.90 -14.61
CA SER A 177 -22.73 -20.95 -15.62
C SER A 177 -21.53 -20.86 -16.55
N PRO A 178 -21.07 -21.95 -17.21
CA PRO A 178 -19.86 -21.87 -18.03
C PRO A 178 -19.72 -20.74 -19.04
N SER A 179 -20.82 -20.34 -19.71
CA SER A 179 -20.82 -19.29 -20.73
C SER A 179 -20.49 -17.89 -20.20
N GLU A 180 -20.59 -17.71 -18.86
CA GLU A 180 -20.27 -16.45 -18.18
C GLU A 180 -18.77 -16.41 -17.74
N VAL A 181 -17.99 -17.45 -18.05
CA VAL A 181 -16.61 -17.56 -17.59
C VAL A 181 -15.57 -17.56 -18.72
N VAL A 182 -14.55 -16.66 -18.59
CA VAL A 182 -13.36 -16.65 -19.44
C VAL A 182 -12.36 -17.37 -18.58
N PHE A 183 -11.69 -18.34 -19.15
CA PHE A 183 -10.70 -19.14 -18.44
C PHE A 183 -9.38 -19.03 -19.21
N LEU A 184 -8.27 -18.66 -18.53
CA LEU A 184 -6.97 -18.47 -19.17
C LEU A 184 -5.95 -19.46 -18.63
N ASP A 185 -5.27 -20.20 -19.51
CA ASP A 185 -4.30 -21.21 -19.10
C ASP A 185 -3.19 -21.33 -20.16
N ASP A 186 -1.97 -21.72 -19.74
CA ASP A 186 -0.86 -21.90 -20.69
C ASP A 186 -0.72 -23.37 -21.19
N ILE A 187 -1.54 -24.29 -20.63
CA ILE A 187 -1.53 -25.73 -20.97
C ILE A 187 -2.86 -26.09 -21.62
N GLY A 188 -2.80 -26.38 -22.92
CA GLY A 188 -3.94 -26.75 -23.76
C GLY A 188 -4.79 -27.85 -23.18
N ALA A 189 -4.15 -28.90 -22.64
CA ALA A 189 -4.81 -30.05 -22.00
C ALA A 189 -5.63 -29.61 -20.79
N ASN A 190 -5.11 -28.63 -20.00
CA ASN A 190 -5.81 -28.09 -18.81
C ASN A 190 -6.91 -27.12 -19.23
N LEU A 191 -6.80 -26.57 -20.43
CA LEU A 191 -7.80 -25.66 -20.99
C LEU A 191 -9.00 -26.44 -21.53
N LYS A 192 -8.74 -27.62 -22.15
CA LYS A 192 -9.71 -28.54 -22.76
C LYS A 192 -11.02 -28.78 -22.00
N PRO A 193 -11.02 -29.18 -20.68
CA PRO A 193 -12.31 -29.43 -20.01
C PRO A 193 -13.20 -28.21 -19.81
N ALA A 194 -12.60 -27.00 -19.68
CA ALA A 194 -13.35 -25.76 -19.51
C ALA A 194 -14.13 -25.46 -20.78
N ARG A 195 -13.47 -25.65 -21.94
CA ARG A 195 -14.07 -25.45 -23.26
C ARG A 195 -15.24 -26.43 -23.51
N ASP A 196 -15.05 -27.73 -23.18
CA ASP A 196 -16.07 -28.79 -23.33
C ASP A 196 -17.31 -28.50 -22.47
N LEU A 197 -17.18 -27.64 -21.45
CA LEU A 197 -18.27 -27.22 -20.57
C LEU A 197 -19.02 -26.01 -21.14
N GLY A 198 -18.38 -25.30 -22.07
CA GLY A 198 -18.96 -24.12 -22.70
C GLY A 198 -18.32 -22.79 -22.35
N MET A 199 -17.20 -22.84 -21.60
CA MET A 199 -16.46 -21.63 -21.20
C MET A 199 -15.66 -21.07 -22.35
N VAL A 200 -15.47 -19.73 -22.34
CA VAL A 200 -14.59 -19.02 -23.27
C VAL A 200 -13.18 -19.35 -22.76
N THR A 201 -12.28 -19.75 -23.65
CA THR A 201 -10.94 -20.12 -23.20
C THR A 201 -9.85 -19.38 -23.99
N ILE A 202 -8.77 -18.98 -23.31
CA ILE A 202 -7.61 -18.34 -23.94
C ILE A 202 -6.36 -19.16 -23.64
N LEU A 203 -5.71 -19.67 -24.69
CA LEU A 203 -4.45 -20.38 -24.52
C LEU A 203 -3.41 -19.29 -24.47
N VAL A 204 -2.72 -19.22 -23.34
CA VAL A 204 -1.71 -18.19 -23.08
C VAL A 204 -0.35 -18.72 -23.50
N GLN A 205 0.27 -18.06 -24.47
CA GLN A 205 1.65 -18.35 -24.87
C GLN A 205 2.35 -17.06 -24.49
N ASP A 206 2.24 -16.01 -25.32
CA ASP A 206 2.79 -14.69 -25.00
C ASP A 206 1.65 -13.85 -24.45
N THR A 207 1.97 -13.03 -23.45
CA THR A 207 1.03 -12.15 -22.72
C THR A 207 0.20 -11.21 -23.60
N ASP A 208 0.85 -10.38 -24.45
CA ASP A 208 0.18 -9.42 -25.34
C ASP A 208 -0.96 -10.01 -26.18
N THR A 209 -0.68 -11.13 -26.87
CA THR A 209 -1.68 -11.85 -27.69
C THR A 209 -2.83 -12.37 -26.82
N ALA A 210 -2.50 -12.97 -25.65
CA ALA A 210 -3.51 -13.43 -24.70
C ALA A 210 -4.42 -12.30 -24.29
N LEU A 211 -3.85 -11.11 -23.96
CA LEU A 211 -4.62 -9.92 -23.56
C LEU A 211 -5.48 -9.34 -24.66
N LYS A 212 -4.99 -9.42 -25.94
CA LYS A 212 -5.76 -8.99 -27.14
C LYS A 212 -7.02 -9.86 -27.22
N GLU A 213 -6.86 -11.20 -27.04
CA GLU A 213 -7.96 -12.18 -27.04
C GLU A 213 -8.94 -11.85 -25.91
N LEU A 214 -8.41 -11.61 -24.68
CA LEU A 214 -9.20 -11.23 -23.50
C LEU A 214 -9.98 -9.92 -23.71
N GLU A 215 -9.31 -8.90 -24.24
CA GLU A 215 -9.89 -7.57 -24.54
C GLU A 215 -11.06 -7.72 -25.54
N LYS A 216 -10.84 -8.51 -26.61
CA LYS A 216 -11.80 -8.78 -27.68
C LYS A 216 -13.06 -9.46 -27.18
N VAL A 217 -12.91 -10.50 -26.35
CA VAL A 217 -14.08 -11.21 -25.83
C VAL A 217 -14.84 -10.49 -24.70
N THR A 218 -14.13 -9.69 -23.86
CA THR A 218 -14.79 -8.95 -22.77
C THR A 218 -15.35 -7.62 -23.18
N GLY A 219 -14.79 -7.02 -24.24
CA GLY A 219 -15.19 -5.69 -24.71
C GLY A 219 -14.67 -4.58 -23.81
N ILE A 220 -13.64 -4.89 -22.97
CA ILE A 220 -12.98 -3.97 -22.04
C ILE A 220 -11.52 -3.76 -22.47
N GLN A 221 -11.07 -2.49 -22.53
CA GLN A 221 -9.69 -2.16 -22.89
C GLN A 221 -8.78 -2.59 -21.73
N LEU A 222 -7.80 -3.45 -22.02
CA LEU A 222 -6.88 -4.03 -21.04
C LEU A 222 -5.46 -3.80 -21.45
N LEU A 223 -5.25 -3.69 -22.75
CA LEU A 223 -3.95 -3.48 -23.34
C LEU A 223 -3.79 -2.00 -23.68
N ASN A 224 -2.60 -1.42 -23.40
CA ASN A 224 -2.25 0.00 -23.70
C ASN A 224 -2.94 1.00 -22.82
N THR A 225 -3.62 0.53 -21.78
CA THR A 225 -4.41 1.26 -20.80
C THR A 225 -3.55 2.32 -20.02
N PRO A 226 -4.14 3.41 -19.44
CA PRO A 226 -3.31 4.39 -18.70
C PRO A 226 -2.64 3.79 -17.45
N ALA A 227 -1.56 4.45 -16.98
CA ALA A 227 -0.82 3.97 -15.82
C ALA A 227 -1.78 3.87 -14.59
N PRO A 228 -1.93 2.68 -13.98
CA PRO A 228 -2.87 2.58 -12.85
C PRO A 228 -2.29 3.15 -11.54
N LEU A 229 -3.18 3.67 -10.68
CA LEU A 229 -2.81 4.20 -9.34
C LEU A 229 -2.30 3.03 -8.47
N PRO A 230 -1.45 3.26 -7.42
CA PRO A 230 -1.03 2.11 -6.57
C PRO A 230 -2.23 1.52 -5.84
N THR A 231 -2.11 0.26 -5.36
CA THR A 231 -3.18 -0.39 -4.57
C THR A 231 -3.56 0.52 -3.38
N SER A 232 -4.86 0.66 -3.10
CA SER A 232 -5.33 1.48 -1.97
C SER A 232 -5.71 0.56 -0.76
N CYS A 233 -6.40 1.09 0.26
CA CYS A 233 -6.82 0.34 1.45
C CYS A 233 -8.30 0.33 1.58
N ASN A 234 -8.87 -0.83 1.87
CA ASN A 234 -10.27 -0.90 2.26
C ASN A 234 -10.27 -0.88 3.80
N PRO A 235 -10.77 0.20 4.47
CA PRO A 235 -10.77 0.26 5.96
C PRO A 235 -11.21 -0.99 6.73
N SER A 236 -12.27 -1.67 6.29
CA SER A 236 -12.81 -2.86 6.94
C SER A 236 -11.92 -4.11 6.80
N ASP A 237 -10.91 -4.06 5.91
CA ASP A 237 -9.98 -5.16 5.65
C ASP A 237 -8.65 -5.02 6.36
N MET A 238 -8.45 -3.91 7.09
CA MET A 238 -7.17 -3.66 7.76
C MET A 238 -7.19 -4.18 9.21
N SER A 239 -5.99 -4.35 9.79
CA SER A 239 -5.81 -4.65 11.21
C SER A 239 -5.76 -3.29 11.90
N HIS A 240 -6.68 -3.09 12.85
CA HIS A 240 -6.79 -1.84 13.62
C HIS A 240 -6.24 -2.06 14.98
N GLY A 241 -5.29 -1.19 15.38
CA GLY A 241 -4.60 -1.25 16.66
C GLY A 241 -4.94 -0.07 17.56
N TYR A 242 -4.96 -0.31 18.90
CA TYR A 242 -5.34 0.70 19.90
C TYR A 242 -4.43 0.68 21.13
N VAL A 243 -3.80 1.81 21.42
CA VAL A 243 -2.84 1.96 22.52
C VAL A 243 -3.22 3.12 23.42
N THR A 244 -3.45 2.84 24.72
CA THR A 244 -3.69 3.88 25.70
C THR A 244 -2.32 4.44 26.11
N VAL A 245 -2.08 5.70 25.79
CA VAL A 245 -0.81 6.38 26.11
C VAL A 245 -0.86 7.10 27.47
N LYS A 246 -2.06 7.42 27.95
CA LYS A 246 -2.34 8.02 29.27
C LYS A 246 -3.82 7.84 29.60
N PRO A 247 -4.26 7.98 30.89
CA PRO A 247 -5.67 7.69 31.23
C PRO A 247 -6.75 8.13 30.26
N ARG A 248 -6.69 9.39 29.84
CA ARG A 248 -7.73 9.88 28.93
C ARG A 248 -7.35 9.80 27.44
N VAL A 249 -6.16 9.27 27.12
CA VAL A 249 -5.67 9.26 25.73
C VAL A 249 -5.34 7.90 25.19
N ARG A 250 -6.06 7.54 24.13
CA ARG A 250 -5.86 6.31 23.38
C ARG A 250 -5.46 6.68 21.94
N LEU A 251 -4.50 5.95 21.34
CA LEU A 251 -4.12 6.20 19.94
C LEU A 251 -4.50 5.01 19.10
N HIS A 252 -5.14 5.28 17.95
CA HIS A 252 -5.51 4.26 16.99
C HIS A 252 -4.53 4.30 15.79
N PHE A 253 -4.26 3.12 15.21
CA PHE A 253 -3.40 2.97 14.04
C PHE A 253 -3.85 1.79 13.25
N VAL A 254 -3.49 1.80 11.98
CA VAL A 254 -3.71 0.71 11.04
C VAL A 254 -2.33 0.09 10.85
N GLU A 255 -2.25 -1.25 10.77
CA GLU A 255 -0.97 -1.93 10.70
C GLU A 255 -0.94 -2.95 9.60
N LEU A 256 0.12 -2.91 8.82
CA LEU A 256 0.30 -3.83 7.69
C LEU A 256 1.77 -4.07 7.41
N GLY A 257 2.13 -5.34 7.26
CA GLY A 257 3.47 -5.75 6.89
C GLY A 257 4.34 -6.25 8.03
N SER A 258 5.53 -6.70 7.66
CA SER A 258 6.58 -7.17 8.58
C SER A 258 7.87 -6.51 8.18
N GLY A 259 8.76 -6.34 9.13
CA GLY A 259 10.05 -5.71 8.88
C GLY A 259 10.26 -4.54 9.79
N PRO A 260 11.20 -3.62 9.46
CA PRO A 260 11.41 -2.45 10.33
C PRO A 260 10.15 -1.60 10.42
N ALA A 261 9.83 -1.09 11.63
CA ALA A 261 8.64 -0.27 11.89
C ALA A 261 8.72 1.12 11.24
N VAL A 262 7.68 1.45 10.50
CA VAL A 262 7.55 2.72 9.76
C VAL A 262 6.27 3.36 10.25
N CYS A 263 6.41 4.42 11.03
CA CYS A 263 5.30 5.16 11.61
C CYS A 263 4.91 6.38 10.73
N LEU A 264 3.72 6.33 10.13
CA LEU A 264 3.19 7.38 9.24
C LEU A 264 2.28 8.37 9.99
N CYS A 265 2.64 9.65 9.91
CA CYS A 265 2.01 10.75 10.65
C CYS A 265 1.35 11.80 9.73
N HIS A 266 0.01 11.81 9.68
CA HIS A 266 -0.75 12.70 8.77
C HIS A 266 -0.77 14.13 9.25
N GLY A 267 -1.30 15.02 8.41
CA GLY A 267 -1.43 16.42 8.78
C GLY A 267 -2.86 16.82 9.05
N PHE A 268 -3.11 18.12 8.90
CA PHE A 268 -4.41 18.73 9.12
C PHE A 268 -5.17 18.94 7.83
N PRO A 269 -6.50 18.63 7.76
CA PRO A 269 -7.36 17.92 8.71
C PRO A 269 -7.54 16.54 8.12
N GLU A 270 -6.60 15.68 8.44
CA GLU A 270 -6.53 14.40 7.78
C GLU A 270 -6.85 13.12 8.59
N SER A 271 -6.24 11.99 8.25
CA SER A 271 -6.56 10.65 8.77
C SER A 271 -5.43 9.66 8.45
N TRP A 272 -5.45 8.44 9.07
CA TRP A 272 -4.51 7.38 8.70
C TRP A 272 -4.71 7.09 7.21
N TYR A 273 -6.00 7.24 6.74
CA TYR A 273 -6.46 6.97 5.36
C TYR A 273 -5.82 7.87 4.31
N SER A 274 -5.19 8.97 4.73
CA SER A 274 -4.46 9.86 3.84
C SER A 274 -3.24 9.13 3.26
N TRP A 275 -2.80 8.01 3.91
CA TRP A 275 -1.65 7.20 3.51
C TRP A 275 -2.12 5.94 2.79
N ARG A 276 -3.39 5.90 2.41
CA ARG A 276 -4.00 4.71 1.76
C ARG A 276 -3.21 4.09 0.58
N TYR A 277 -2.55 4.92 -0.24
CA TYR A 277 -1.73 4.52 -1.40
C TYR A 277 -0.30 4.11 -1.00
N GLN A 278 0.16 4.51 0.20
CA GLN A 278 1.51 4.20 0.69
C GLN A 278 1.54 2.91 1.52
N ILE A 279 0.47 2.65 2.28
CA ILE A 279 0.40 1.47 3.17
C ILE A 279 0.68 0.15 2.42
N PRO A 280 -0.10 -0.28 1.39
CA PRO A 280 0.23 -1.55 0.73
C PRO A 280 1.59 -1.52 0.06
N ALA A 281 1.98 -0.37 -0.55
CA ALA A 281 3.30 -0.25 -1.22
C ALA A 281 4.46 -0.43 -0.25
N LEU A 282 4.44 0.26 0.91
CA LEU A 282 5.55 0.16 1.88
C LEU A 282 5.63 -1.23 2.53
N ALA A 283 4.46 -1.86 2.82
CA ALA A 283 4.43 -3.23 3.38
C ALA A 283 5.00 -4.25 2.39
N GLN A 284 4.67 -4.07 1.10
CA GLN A 284 5.14 -4.94 0.03
C GLN A 284 6.66 -4.76 -0.15
N ALA A 285 7.19 -3.54 0.05
CA ALA A 285 8.63 -3.26 0.01
C ALA A 285 9.44 -3.79 1.24
N GLY A 286 8.77 -4.43 2.19
CA GLY A 286 9.45 -5.06 3.32
C GLY A 286 9.45 -4.30 4.63
N TYR A 287 8.41 -3.51 4.86
CA TYR A 287 8.30 -2.72 6.08
C TYR A 287 7.04 -3.02 6.86
N ARG A 288 7.09 -2.74 8.16
CA ARG A 288 5.93 -2.92 9.03
C ARG A 288 5.36 -1.51 9.18
N VAL A 289 4.25 -1.22 8.49
CA VAL A 289 3.67 0.11 8.48
C VAL A 289 2.67 0.32 9.64
N LEU A 290 2.82 1.43 10.36
CA LEU A 290 1.86 1.78 11.41
C LEU A 290 1.30 3.13 10.98
N ALA A 291 0.08 3.17 10.41
CA ALA A 291 -0.49 4.45 9.97
C ALA A 291 -1.38 5.00 11.06
N MET A 292 -0.93 6.08 11.69
CA MET A 292 -1.62 6.71 12.82
C MET A 292 -2.85 7.51 12.48
N ASP A 293 -3.79 7.58 13.46
CA ASP A 293 -4.81 8.58 13.57
C ASP A 293 -4.09 9.42 14.60
N MET A 294 -3.68 10.62 14.22
CA MET A 294 -2.97 11.48 15.15
C MET A 294 -3.94 11.97 16.23
N LYS A 295 -3.42 12.38 17.40
CA LYS A 295 -4.27 12.85 18.50
C LYS A 295 -5.24 13.94 18.00
N GLY A 296 -6.53 13.74 18.28
CA GLY A 296 -7.59 14.66 17.88
C GLY A 296 -8.38 14.20 16.67
N TYR A 297 -7.94 13.07 16.07
CA TYR A 297 -8.48 12.56 14.81
C TYR A 297 -9.01 11.16 14.89
N GLY A 298 -10.02 10.89 14.07
CA GLY A 298 -10.65 9.59 13.84
C GLY A 298 -10.92 8.79 15.09
N GLU A 299 -10.35 7.58 15.17
CA GLU A 299 -10.57 6.73 16.35
C GLU A 299 -9.65 7.01 17.51
N SER A 300 -8.69 7.96 17.36
CA SER A 300 -7.79 8.36 18.44
C SER A 300 -8.56 9.31 19.34
N SER A 301 -8.12 9.48 20.59
CA SER A 301 -8.80 10.38 21.54
C SER A 301 -8.63 11.84 21.12
N ALA A 302 -9.65 12.67 21.44
CA ALA A 302 -9.67 14.08 21.11
C ALA A 302 -9.99 14.93 22.34
N PRO A 303 -9.11 15.05 23.37
CA PRO A 303 -9.45 15.92 24.52
C PRO A 303 -9.67 17.38 24.07
N PRO A 304 -10.48 18.18 24.80
CA PRO A 304 -10.76 19.54 24.31
C PRO A 304 -9.68 20.58 24.57
N GLU A 305 -8.91 20.43 25.66
CA GLU A 305 -7.91 21.40 26.10
C GLU A 305 -6.83 21.67 25.05
N ILE A 306 -6.52 22.95 24.82
CA ILE A 306 -5.50 23.41 23.86
C ILE A 306 -4.11 22.79 24.14
N GLU A 307 -3.64 22.87 25.41
CA GLU A 307 -2.33 22.39 25.94
C GLU A 307 -2.06 20.91 25.63
N GLU A 308 -3.14 20.11 25.44
CA GLU A 308 -3.05 18.69 25.12
C GLU A 308 -2.43 18.49 23.72
N TYR A 309 -2.35 19.60 22.93
CA TYR A 309 -1.87 19.56 21.56
C TYR A 309 -0.59 20.33 21.27
N CYS A 310 0.17 20.69 22.32
CA CYS A 310 1.48 21.33 22.11
C CYS A 310 2.46 20.24 21.67
N MET A 311 3.48 20.59 20.85
CA MET A 311 4.46 19.62 20.31
C MET A 311 5.11 18.73 21.37
N GLU A 312 5.48 19.32 22.52
CA GLU A 312 6.08 18.57 23.63
C GLU A 312 5.21 17.39 24.07
N VAL A 313 3.88 17.62 24.33
CA VAL A 313 3.01 16.53 24.76
C VAL A 313 2.74 15.49 23.68
N LEU A 314 2.57 15.95 22.44
CA LEU A 314 2.33 15.06 21.30
C LEU A 314 3.53 14.13 21.08
N CYS A 315 4.74 14.67 21.14
CA CYS A 315 5.98 13.89 20.91
C CYS A 315 6.18 12.88 22.05
N LYS A 316 5.87 13.29 23.30
CA LYS A 316 5.94 12.47 24.52
C LYS A 316 4.97 11.31 24.43
N GLU A 317 3.76 11.56 23.91
CA GLU A 317 2.79 10.49 23.74
C GLU A 317 3.18 9.50 22.67
N MET A 318 3.85 9.94 21.60
CA MET A 318 4.32 9.10 20.49
C MET A 318 5.44 8.19 20.97
N VAL A 319 6.27 8.68 21.92
CA VAL A 319 7.33 7.89 22.58
C VAL A 319 6.66 6.78 23.41
N THR A 320 5.62 7.13 24.19
CA THR A 320 4.84 6.18 25.02
C THR A 320 4.16 5.13 24.12
N PHE A 321 3.69 5.59 22.94
CA PHE A 321 3.06 4.69 21.97
C PHE A 321 4.08 3.59 21.61
N LEU A 322 5.35 4.00 21.30
CA LEU A 322 6.47 3.08 21.01
C LEU A 322 6.74 2.19 22.21
N ASP A 323 6.86 2.79 23.45
CA ASP A 323 7.06 2.04 24.70
C ASP A 323 6.05 0.88 24.84
N LYS A 324 4.75 1.22 24.77
CA LYS A 324 3.68 0.26 24.93
C LYS A 324 3.60 -0.86 23.88
N LEU A 325 4.06 -0.59 22.66
CA LEU A 325 4.11 -1.57 21.57
C LEU A 325 5.38 -2.43 21.59
N GLY A 326 6.32 -2.07 22.45
CA GLY A 326 7.61 -2.75 22.60
C GLY A 326 8.55 -2.44 21.45
N LEU A 327 8.49 -1.20 20.94
CA LEU A 327 9.37 -0.83 19.81
C LEU A 327 10.44 0.11 20.30
N SER A 328 11.73 -0.28 20.14
CA SER A 328 12.81 0.58 20.59
C SER A 328 12.98 1.76 19.63
N GLN A 329 12.62 1.56 18.35
CA GLN A 329 12.68 2.60 17.34
C GLN A 329 11.60 2.44 16.26
N ALA A 330 11.37 3.52 15.46
CA ALA A 330 10.58 3.40 14.26
C ALA A 330 11.12 4.44 13.32
N VAL A 331 10.92 4.22 12.02
CA VAL A 331 11.24 5.33 11.10
C VAL A 331 9.97 6.23 11.11
N PHE A 332 10.16 7.56 11.21
CA PHE A 332 9.00 8.46 11.27
C PHE A 332 8.84 9.24 10.00
N ILE A 333 7.66 9.09 9.36
CA ILE A 333 7.36 9.78 8.09
C ILE A 333 6.12 10.61 8.33
N GLY A 334 6.25 11.93 8.18
CA GLY A 334 5.15 12.84 8.41
C GLY A 334 4.86 13.79 7.26
N HIS A 335 3.59 14.24 7.16
CA HIS A 335 3.11 15.21 6.15
C HIS A 335 2.46 16.34 6.92
N ASP A 336 2.72 17.60 6.50
CA ASP A 336 2.07 18.78 7.07
C ASP A 336 2.37 18.88 8.59
N TRP A 337 1.34 18.94 9.48
CA TRP A 337 1.59 18.96 10.92
C TRP A 337 2.30 17.67 11.42
N GLY A 338 2.08 16.53 10.75
CA GLY A 338 2.80 15.28 11.04
C GLY A 338 4.28 15.40 10.71
N GLY A 339 4.61 16.21 9.69
CA GLY A 339 5.98 16.51 9.26
C GLY A 339 6.67 17.35 10.29
N MET A 340 5.93 18.32 10.86
CA MET A 340 6.44 19.13 11.96
C MET A 340 6.73 18.24 13.17
N LEU A 341 5.81 17.30 13.52
CA LEU A 341 5.99 16.42 14.69
C LEU A 341 7.28 15.57 14.58
N VAL A 342 7.47 15.01 13.40
CA VAL A 342 8.53 14.11 12.98
C VAL A 342 9.92 14.80 13.08
N TRP A 343 10.02 16.11 12.74
CA TRP A 343 11.30 16.83 12.92
C TRP A 343 11.59 16.98 14.41
N TYR A 344 10.54 17.24 15.22
CA TYR A 344 10.75 17.35 16.67
C TYR A 344 11.04 16.00 17.35
N MET A 345 10.52 14.88 16.80
CA MET A 345 10.88 13.53 17.30
C MET A 345 12.39 13.32 17.05
N ALA A 346 12.88 13.69 15.87
CA ALA A 346 14.31 13.59 15.53
C ALA A 346 15.19 14.47 16.44
N LEU A 347 14.73 15.67 16.81
CA LEU A 347 15.50 16.59 17.66
C LEU A 347 15.51 16.26 19.14
N PHE A 348 14.39 15.75 19.68
CA PHE A 348 14.24 15.49 21.11
C PHE A 348 14.36 14.02 21.51
N TYR A 349 14.09 13.09 20.56
CA TYR A 349 14.17 11.64 20.82
C TYR A 349 14.96 10.91 19.73
N PRO A 350 16.21 11.33 19.39
CA PRO A 350 16.93 10.64 18.29
C PRO A 350 17.14 9.14 18.49
N GLU A 351 17.23 8.68 19.74
CA GLU A 351 17.45 7.26 20.07
C GLU A 351 16.28 6.37 19.61
N ARG A 352 15.09 6.97 19.50
CA ARG A 352 13.83 6.33 19.14
C ARG A 352 13.48 6.47 17.67
N VAL A 353 14.27 7.23 16.94
CA VAL A 353 13.97 7.51 15.54
C VAL A 353 15.01 6.85 14.65
N ARG A 354 14.63 5.77 13.92
CA ARG A 354 15.54 5.04 13.04
C ARG A 354 15.99 5.98 11.89
N ALA A 355 15.04 6.71 11.35
CA ALA A 355 15.23 7.67 10.26
C ALA A 355 14.00 8.58 10.23
N VAL A 356 14.13 9.77 9.65
CA VAL A 356 13.04 10.74 9.60
C VAL A 356 12.82 11.24 8.19
N ALA A 357 11.54 11.30 7.76
CA ALA A 357 11.22 11.89 6.46
C ALA A 357 10.01 12.83 6.58
N SER A 358 10.06 13.97 5.88
CA SER A 358 8.96 14.91 5.86
C SER A 358 8.53 15.14 4.44
N LEU A 359 7.21 15.15 4.24
CA LEU A 359 6.59 15.53 2.98
C LEU A 359 6.09 16.94 3.21
N ASN A 360 6.61 17.91 2.42
CA ASN A 360 6.22 19.33 2.37
C ASN A 360 6.72 20.21 3.50
N THR A 361 6.64 19.74 4.77
CA THR A 361 7.01 20.53 5.95
C THR A 361 8.50 20.68 6.05
N PRO A 362 9.02 21.93 5.94
CA PRO A 362 10.47 22.11 6.11
C PRO A 362 10.82 22.16 7.58
N PHE A 363 12.10 22.02 7.90
CA PHE A 363 12.57 22.21 9.25
C PHE A 363 13.24 23.61 9.30
N ILE A 364 12.62 24.58 10.01
CA ILE A 364 13.13 25.95 10.17
C ILE A 364 13.34 26.20 11.66
N PRO A 365 14.60 26.36 12.15
CA PRO A 365 14.81 26.62 13.58
C PRO A 365 14.11 27.90 14.04
N ALA A 366 13.63 27.88 15.29
CA ALA A 366 12.93 28.99 15.93
C ALA A 366 13.86 30.21 16.09
N ASN A 367 13.31 31.41 15.92
CA ASN A 367 14.05 32.66 16.13
C ASN A 367 13.87 32.98 17.62
N PRO A 368 14.93 32.91 18.46
CA PRO A 368 14.75 33.15 19.90
C PRO A 368 14.53 34.62 20.30
N ASN A 369 14.83 35.55 19.36
CA ASN A 369 14.71 36.99 19.55
C ASN A 369 13.40 37.54 19.00
N MET A 370 12.50 36.65 18.56
CA MET A 370 11.23 37.05 17.98
C MET A 370 10.14 36.04 18.30
N SER A 371 8.95 36.56 18.69
CA SER A 371 7.76 35.77 19.00
C SER A 371 7.20 35.15 17.71
N PRO A 372 6.58 33.94 17.75
CA PRO A 372 6.12 33.32 16.49
C PRO A 372 4.94 34.00 15.76
N LEU A 373 4.03 34.70 16.46
CA LEU A 373 2.86 35.36 15.85
C LEU A 373 3.20 36.54 14.95
N GLU A 374 4.40 37.15 15.13
CA GLU A 374 4.95 38.25 14.34
C GLU A 374 5.29 37.74 12.92
N VAL A 381 1.89 33.62 3.48
CA VAL A 381 0.78 32.69 3.21
C VAL A 381 0.13 32.14 4.49
N PHE A 382 0.40 32.78 5.65
CA PHE A 382 -0.12 32.35 6.95
C PHE A 382 -1.11 33.30 7.62
N ASP A 383 -2.22 33.49 6.93
CA ASP A 383 -3.38 34.24 7.39
C ASP A 383 -4.32 33.14 7.96
N TYR A 384 -4.21 31.90 7.42
CA TYR A 384 -4.94 30.69 7.83
C TYR A 384 -4.75 30.47 9.35
N GLN A 385 -3.48 30.49 9.81
CA GLN A 385 -3.11 30.29 11.21
C GLN A 385 -3.72 31.29 12.20
N LEU A 386 -3.93 32.58 11.78
CA LEU A 386 -4.54 33.60 12.65
C LEU A 386 -6.04 33.32 12.77
N TYR A 387 -6.70 32.97 11.64
CA TYR A 387 -8.11 32.62 11.62
C TYR A 387 -8.39 31.40 12.53
N PHE A 388 -7.39 30.51 12.65
CA PHE A 388 -7.49 29.29 13.44
C PHE A 388 -7.25 29.50 14.92
N GLN A 389 -6.72 30.67 15.31
CA GLN A 389 -6.38 30.96 16.70
C GLN A 389 -7.54 30.99 17.68
N GLU A 390 -8.64 31.71 17.33
CA GLU A 390 -9.82 31.90 18.19
C GLU A 390 -10.64 30.64 18.34
N PRO A 391 -10.74 30.07 19.56
CA PRO A 391 -11.49 28.82 19.70
C PRO A 391 -12.97 28.95 19.33
N GLY A 392 -13.44 28.04 18.48
CA GLY A 392 -14.84 27.99 18.05
C GLY A 392 -15.15 28.56 16.69
N VAL A 393 -14.40 29.58 16.25
CA VAL A 393 -14.65 30.24 14.97
C VAL A 393 -14.47 29.29 13.80
N ALA A 394 -13.24 28.78 13.60
CA ALA A 394 -12.96 27.87 12.50
C ALA A 394 -13.72 26.55 12.65
N GLU A 395 -13.95 26.07 13.91
CA GLU A 395 -14.72 24.82 14.12
C GLU A 395 -16.11 24.99 13.49
N ALA A 396 -16.80 26.11 13.82
CA ALA A 396 -18.14 26.45 13.32
C ALA A 396 -18.23 26.34 11.81
N GLU A 397 -17.32 27.04 11.08
CA GLU A 397 -17.27 27.01 9.62
C GLU A 397 -16.91 25.63 9.06
N LEU A 398 -15.91 24.95 9.66
CA LEU A 398 -15.45 23.65 9.14
C LEU A 398 -16.42 22.52 9.38
N GLU A 399 -17.12 22.54 10.54
CA GLU A 399 -18.09 21.48 10.89
C GLU A 399 -19.49 21.69 10.29
N GLN A 400 -19.77 22.89 9.75
CA GLN A 400 -21.10 23.19 9.21
C GLN A 400 -21.57 22.21 8.12
N ASN A 401 -20.68 21.85 7.22
CA ASN A 401 -20.97 20.92 6.14
C ASN A 401 -19.69 20.16 5.86
N LEU A 402 -19.55 18.93 6.43
CA LEU A 402 -18.33 18.12 6.29
C LEU A 402 -18.01 17.74 4.86
N SER A 403 -19.05 17.35 4.09
CA SER A 403 -18.88 17.00 2.68
C SER A 403 -18.29 18.21 1.92
N ARG A 404 -18.79 19.41 2.20
CA ARG A 404 -18.30 20.65 1.57
C ARG A 404 -16.86 20.97 2.02
N THR A 405 -16.59 20.86 3.33
CA THR A 405 -15.25 21.11 3.87
C THR A 405 -14.15 20.32 3.13
N PHE A 406 -14.31 18.98 3.03
CA PHE A 406 -13.34 18.08 2.41
C PHE A 406 -13.24 18.21 0.91
N LYS A 407 -14.39 18.44 0.25
CA LYS A 407 -14.45 18.63 -1.20
C LYS A 407 -13.75 19.91 -1.61
N SER A 408 -13.86 20.97 -0.79
CA SER A 408 -13.21 22.26 -1.02
C SER A 408 -11.71 22.15 -0.73
N LEU A 409 -11.35 21.43 0.35
CA LEU A 409 -9.95 21.29 0.73
C LEU A 409 -9.15 20.38 -0.16
N PHE A 410 -9.59 19.12 -0.31
CA PHE A 410 -8.85 18.09 -1.04
C PHE A 410 -8.94 18.26 -2.57
N ARG A 411 -8.04 19.11 -3.12
CA ARG A 411 -8.00 19.46 -4.55
C ARG A 411 -6.59 19.55 -5.09
N ALA A 412 -6.40 19.19 -6.39
CA ALA A 412 -5.09 19.31 -7.07
C ALA A 412 -4.75 20.80 -7.33
N SER A 413 -3.48 21.11 -7.70
CA SER A 413 -2.98 22.48 -7.93
C SER A 413 -3.80 23.37 -8.90
N ASP A 414 -4.35 22.76 -9.97
CA ASP A 414 -5.18 23.41 -10.99
C ASP A 414 -6.66 23.57 -10.56
N GLU A 415 -7.13 22.78 -9.57
CA GLU A 415 -8.53 22.73 -9.11
C GLU A 415 -8.95 23.76 -8.01
N SER A 416 -7.93 24.55 -7.55
CA SER A 416 -7.79 25.71 -6.63
C SER A 416 -9.01 26.38 -5.84
N VAL A 417 -10.26 25.87 -5.86
CA VAL A 417 -11.43 26.54 -5.19
C VAL A 417 -11.28 27.51 -3.89
N LEU A 418 -10.05 27.75 -3.41
CA LEU A 418 -9.82 28.60 -2.22
C LEU A 418 -9.45 30.07 -2.43
N VAL A 423 -8.46 34.07 2.05
CA VAL A 423 -7.88 34.87 3.15
C VAL A 423 -8.51 34.41 4.54
N CYS A 424 -8.56 35.32 5.56
CA CYS A 424 -9.30 35.25 6.82
C CYS A 424 -10.43 36.27 6.73
N GLU A 425 -10.03 37.60 6.59
CA GLU A 425 -10.74 38.90 6.56
C GLU A 425 -12.15 38.70 6.09
N ALA A 426 -12.43 38.62 4.72
CA ALA A 426 -13.73 38.32 4.05
C ALA A 426 -14.71 37.52 4.93
N GLY A 427 -14.17 37.08 6.07
CA GLY A 427 -14.78 36.38 7.19
C GLY A 427 -15.00 34.93 6.91
N GLY A 428 -13.91 34.19 6.72
CA GLY A 428 -14.05 32.78 6.41
C GLY A 428 -13.09 32.18 5.40
N LEU A 429 -13.00 30.84 5.45
CA LEU A 429 -12.18 30.00 4.60
C LEU A 429 -12.92 29.74 3.27
N PHE A 430 -14.27 29.63 3.31
CA PHE A 430 -15.12 29.32 2.16
C PHE A 430 -16.05 30.47 1.69
N VAL A 431 -15.62 31.74 1.90
CA VAL A 431 -16.37 32.95 1.51
C VAL A 431 -16.83 32.99 0.06
N ASN A 432 -15.91 32.74 -0.89
CA ASN A 432 -16.22 32.74 -2.31
C ASN A 432 -15.99 31.34 -2.90
N SER A 433 -16.51 30.33 -2.17
CA SER A 433 -16.40 28.91 -2.51
C SER A 433 -17.81 28.33 -2.73
N PRO A 434 -18.01 27.42 -3.73
CA PRO A 434 -19.35 26.86 -3.96
C PRO A 434 -19.92 26.04 -2.80
N GLU A 435 -21.26 26.02 -2.69
CA GLU A 435 -21.95 25.26 -1.63
C GLU A 435 -21.84 23.76 -1.88
N GLU A 436 -21.84 23.36 -3.15
CA GLU A 436 -21.70 21.98 -3.59
C GLU A 436 -20.50 21.93 -4.56
N PRO A 437 -19.24 21.86 -4.05
CA PRO A 437 -18.09 21.81 -4.97
C PRO A 437 -18.05 20.55 -5.83
N SER A 438 -17.36 20.62 -6.98
CA SER A 438 -17.21 19.44 -7.84
C SER A 438 -16.23 18.46 -7.17
N LEU A 439 -16.26 17.20 -7.58
CA LEU A 439 -15.38 16.21 -7.01
C LEU A 439 -14.02 16.33 -7.68
N SER A 440 -12.95 16.54 -6.89
CA SER A 440 -11.58 16.62 -7.41
C SER A 440 -11.21 15.31 -8.12
N ARG A 441 -10.28 15.36 -9.10
CA ARG A 441 -9.81 14.16 -9.80
C ARG A 441 -9.00 13.22 -8.86
N MET A 442 -8.51 13.77 -7.73
CA MET A 442 -7.70 13.07 -6.73
C MET A 442 -8.50 12.11 -5.85
N VAL A 443 -9.84 12.32 -5.74
CA VAL A 443 -10.70 11.54 -4.82
C VAL A 443 -12.00 11.11 -5.43
N THR A 444 -12.59 10.04 -4.84
CA THR A 444 -13.89 9.56 -5.24
C THR A 444 -14.86 10.09 -4.18
N GLU A 445 -16.17 9.97 -4.41
CA GLU A 445 -17.23 10.38 -3.47
C GLU A 445 -17.12 9.51 -2.22
N GLU A 446 -16.82 8.20 -2.40
CA GLU A 446 -16.65 7.20 -1.34
C GLU A 446 -15.54 7.61 -0.35
N GLU A 447 -14.37 8.01 -0.87
CA GLU A 447 -13.23 8.47 -0.09
C GLU A 447 -13.52 9.73 0.70
N ILE A 448 -14.28 10.70 0.10
CA ILE A 448 -14.70 11.93 0.80
C ILE A 448 -15.58 11.56 1.97
N GLN A 449 -16.53 10.65 1.75
CA GLN A 449 -17.48 10.21 2.77
C GLN A 449 -16.78 9.48 3.95
N PHE A 450 -15.60 8.80 3.70
CA PHE A 450 -14.80 8.18 4.76
C PHE A 450 -14.36 9.30 5.70
N TYR A 451 -13.78 10.41 5.15
CA TYR A 451 -13.36 11.58 5.95
C TYR A 451 -14.54 12.23 6.69
N VAL A 452 -15.69 12.35 6.01
CA VAL A 452 -16.93 12.90 6.61
C VAL A 452 -17.29 12.06 7.85
N GLN A 453 -17.36 10.71 7.71
CA GLN A 453 -17.64 9.79 8.82
C GLN A 453 -16.65 9.84 9.97
N GLN A 454 -15.35 9.98 9.67
CA GLN A 454 -14.30 10.07 10.69
C GLN A 454 -14.48 11.34 11.51
N PHE A 455 -14.73 12.47 10.84
CA PHE A 455 -14.90 13.78 11.46
C PHE A 455 -16.20 14.02 12.24
N LYS A 456 -17.18 13.15 12.05
CA LYS A 456 -18.46 13.20 12.77
C LYS A 456 -18.30 12.87 14.25
N LYS A 457 -17.25 12.10 14.60
CA LYS A 457 -16.99 11.73 15.98
C LYS A 457 -16.50 12.88 16.85
N SER A 458 -15.40 13.55 16.48
CA SER A 458 -14.84 14.59 17.36
C SER A 458 -14.84 16.02 16.82
N GLY A 459 -15.14 16.19 15.53
CA GLY A 459 -15.12 17.51 14.92
C GLY A 459 -13.72 18.05 14.74
N PHE A 460 -13.61 19.37 14.70
CA PHE A 460 -12.37 20.08 14.40
C PHE A 460 -11.64 20.69 15.57
N ARG A 461 -12.19 20.63 16.81
CA ARG A 461 -11.54 21.22 17.97
C ARG A 461 -10.10 20.68 18.20
N GLY A 462 -9.97 19.36 18.32
CA GLY A 462 -8.69 18.68 18.50
C GLY A 462 -7.73 19.00 17.38
N PRO A 463 -8.10 18.74 16.11
CA PRO A 463 -7.25 19.15 14.98
C PRO A 463 -6.81 20.63 14.98
N LEU A 464 -7.73 21.59 15.28
CA LEU A 464 -7.38 23.03 15.28
C LEU A 464 -6.48 23.40 16.44
N ASN A 465 -6.51 22.64 17.55
CA ASN A 465 -5.65 22.90 18.71
C ASN A 465 -4.17 22.74 18.38
N TRP A 466 -3.83 21.98 17.29
CA TRP A 466 -2.44 21.82 16.82
C TRP A 466 -1.84 23.17 16.42
N TYR A 467 -2.68 24.14 15.98
CA TYR A 467 -2.25 25.52 15.64
C TYR A 467 -2.28 26.47 16.84
N ARG A 468 -2.86 26.03 17.97
CA ARG A 468 -3.08 26.94 19.10
C ARG A 468 -2.01 26.90 20.17
N ASN A 469 -0.80 26.40 19.83
CA ASN A 469 0.29 26.29 20.82
C ASN A 469 1.56 26.94 20.36
N MET A 470 1.45 27.94 19.46
CA MET A 470 2.58 28.63 18.84
C MET A 470 3.65 29.10 19.81
N GLU A 471 3.25 29.74 20.91
CA GLU A 471 4.16 30.22 21.95
C GLU A 471 4.81 29.06 22.73
N ARG A 472 4.03 28.04 23.15
CA ARG A 472 4.55 26.86 23.85
C ARG A 472 5.54 26.12 22.96
N ASN A 473 5.17 25.89 21.67
CA ASN A 473 6.00 25.19 20.69
C ASN A 473 7.32 25.90 20.44
N TRP A 474 7.30 27.25 20.38
CA TRP A 474 8.48 28.10 20.16
C TRP A 474 9.43 28.00 21.35
N LYS A 475 8.89 28.12 22.56
CA LYS A 475 9.62 28.01 23.82
C LYS A 475 10.32 26.64 23.92
N TRP A 476 9.61 25.56 23.57
CA TRP A 476 10.15 24.20 23.59
C TRP A 476 11.24 24.06 22.52
N ALA A 477 10.98 24.57 21.30
CA ALA A 477 11.91 24.54 20.15
C ALA A 477 13.24 25.25 20.44
N CYS A 478 13.21 26.37 21.20
CA CYS A 478 14.39 27.15 21.59
C CYS A 478 15.41 26.32 22.39
N LYS A 479 14.96 25.20 23.04
CA LYS A 479 15.85 24.30 23.81
C LYS A 479 16.72 23.48 22.87
N SER A 480 16.32 23.39 21.58
CA SER A 480 17.02 22.60 20.59
C SER A 480 17.93 23.39 19.66
N LEU A 481 17.98 24.72 19.83
CA LEU A 481 18.74 25.61 18.94
C LEU A 481 20.23 25.32 18.69
N GLY A 482 20.89 24.65 19.64
CA GLY A 482 22.30 24.29 19.50
C GLY A 482 22.53 22.90 18.94
N ARG A 483 21.44 22.17 18.63
CA ARG A 483 21.54 20.80 18.14
C ARG A 483 21.51 20.75 16.65
N LYS A 484 21.89 19.60 16.09
CA LYS A 484 21.77 19.36 14.67
C LYS A 484 21.05 18.03 14.47
N ILE A 485 20.38 17.84 13.31
CA ILE A 485 19.78 16.55 12.98
C ILE A 485 20.88 15.79 12.21
N LEU A 486 21.35 14.66 12.78
CA LEU A 486 22.48 13.85 12.28
C LEU A 486 22.12 12.39 12.03
N ILE A 487 20.85 12.02 12.31
CA ILE A 487 20.31 10.69 12.02
C ILE A 487 19.86 10.72 10.51
N PRO A 488 19.62 9.58 9.79
CA PRO A 488 19.20 9.67 8.38
C PRO A 488 17.92 10.49 8.21
N ALA A 489 17.91 11.43 7.25
CA ALA A 489 16.79 12.35 7.02
C ALA A 489 16.53 12.61 5.54
N LEU A 490 15.24 12.69 5.17
CA LEU A 490 14.73 12.98 3.84
C LEU A 490 13.73 14.15 3.87
N MET A 491 13.91 15.12 2.97
CA MET A 491 12.98 16.24 2.80
C MET A 491 12.35 16.10 1.41
N VAL A 492 11.02 15.98 1.33
CA VAL A 492 10.32 15.85 0.03
C VAL A 492 9.49 17.10 -0.21
N THR A 493 9.83 17.86 -1.29
CA THR A 493 9.15 19.12 -1.64
C THR A 493 8.11 18.91 -2.73
N ALA A 494 7.00 19.66 -2.66
CA ALA A 494 5.92 19.56 -3.63
C ALA A 494 5.87 20.93 -4.34
N GLU A 495 6.20 20.96 -5.63
CA GLU A 495 6.30 22.18 -6.45
C GLU A 495 5.15 23.18 -6.22
N LYS A 496 3.91 22.68 -6.32
CA LYS A 496 2.74 23.54 -6.22
C LYS A 496 2.02 23.61 -4.87
N ASP A 497 2.75 23.33 -3.75
CA ASP A 497 2.18 23.53 -2.42
C ASP A 497 2.40 25.03 -2.12
N PHE A 498 1.30 25.80 -1.97
CA PHE A 498 1.40 27.24 -1.71
C PHE A 498 1.44 27.64 -0.23
N VAL A 499 1.12 26.67 0.67
CA VAL A 499 1.22 26.89 2.12
C VAL A 499 2.67 26.54 2.51
N LEU A 500 3.09 25.30 2.20
CA LEU A 500 4.43 24.77 2.51
C LEU A 500 5.22 24.72 1.21
N VAL A 501 5.75 25.90 0.83
CA VAL A 501 6.45 26.07 -0.44
C VAL A 501 7.85 25.44 -0.43
N PRO A 502 8.31 24.86 -1.56
CA PRO A 502 9.66 24.25 -1.58
C PRO A 502 10.81 25.17 -1.15
N GLN A 503 10.71 26.48 -1.51
CA GLN A 503 11.71 27.50 -1.18
C GLN A 503 11.98 27.66 0.32
N MET A 504 10.98 27.34 1.18
CA MET A 504 11.07 27.41 2.64
C MET A 504 12.05 26.35 3.22
N SER A 505 12.41 25.35 2.43
CA SER A 505 13.32 24.27 2.84
C SER A 505 14.77 24.52 2.44
N GLN A 506 15.06 25.61 1.73
CA GLN A 506 16.40 25.92 1.20
C GLN A 506 17.63 25.92 2.14
N HIS A 507 17.45 26.38 3.41
CA HIS A 507 18.55 26.46 4.39
C HIS A 507 18.63 25.24 5.32
N MET A 508 17.80 24.21 5.08
CA MET A 508 17.72 23.02 5.94
C MET A 508 19.06 22.30 6.18
N GLU A 509 19.92 22.26 5.15
CA GLU A 509 21.28 21.64 5.19
C GLU A 509 22.17 22.22 6.27
N ASP A 510 21.95 23.49 6.65
CA ASP A 510 22.70 24.14 7.73
C ASP A 510 22.55 23.41 9.06
N TRP A 511 21.38 22.76 9.26
CA TRP A 511 21.00 22.03 10.49
C TRP A 511 20.94 20.52 10.29
N ILE A 512 20.79 20.06 9.05
CA ILE A 512 20.73 18.62 8.70
C ILE A 512 21.75 18.44 7.58
N PRO A 513 23.07 18.42 7.88
CA PRO A 513 24.09 18.37 6.82
C PRO A 513 24.04 17.20 5.85
N HIS A 514 23.68 16.00 6.34
CA HIS A 514 23.59 14.79 5.49
C HIS A 514 22.19 14.59 4.90
N LEU A 515 21.34 15.63 4.96
CA LEU A 515 19.97 15.60 4.46
C LEU A 515 19.85 15.09 3.03
N LYS A 516 18.99 14.11 2.81
CA LYS A 516 18.70 13.62 1.47
C LYS A 516 17.41 14.30 1.00
N ARG A 517 17.23 14.46 -0.32
CA ARG A 517 16.09 15.16 -0.88
C ARG A 517 15.36 14.41 -1.97
N GLY A 518 14.09 14.80 -2.11
CA GLY A 518 13.18 14.37 -3.15
C GLY A 518 12.36 15.58 -3.53
N HIS A 519 11.84 15.61 -4.74
CA HIS A 519 11.05 16.73 -5.21
C HIS A 519 10.02 16.21 -6.16
N ILE A 520 8.78 16.71 -6.04
CA ILE A 520 7.67 16.28 -6.90
C ILE A 520 7.07 17.47 -7.67
N GLU A 521 7.20 17.44 -8.99
CA GLU A 521 6.68 18.51 -9.83
C GLU A 521 5.20 18.34 -10.04
N ASP A 522 4.48 19.46 -10.28
CA ASP A 522 3.04 19.54 -10.54
C ASP A 522 2.26 18.84 -9.38
N CYS A 523 2.74 19.02 -8.14
CA CYS A 523 2.16 18.40 -6.96
C CYS A 523 1.67 19.48 -6.02
N GLY A 524 0.41 19.41 -5.63
CA GLY A 524 -0.18 20.35 -4.67
C GLY A 524 0.18 20.01 -3.22
N HIS A 525 -0.61 20.52 -2.27
CA HIS A 525 -0.38 20.31 -0.84
C HIS A 525 -0.68 18.88 -0.35
N TRP A 526 -1.64 18.19 -0.97
CA TRP A 526 -2.10 16.86 -0.58
C TRP A 526 -1.28 15.80 -1.27
N THR A 527 0.03 15.82 -1.03
CA THR A 527 1.06 14.98 -1.69
C THR A 527 0.70 13.52 -1.95
N GLN A 528 0.32 12.77 -0.90
CA GLN A 528 0.02 11.33 -0.95
C GLN A 528 -1.03 10.96 -1.96
N MET A 529 -2.11 11.73 -2.04
CA MET A 529 -3.18 11.43 -2.99
C MET A 529 -3.02 12.15 -4.33
N ASP A 530 -2.19 13.21 -4.35
CA ASP A 530 -1.93 13.97 -5.57
C ASP A 530 -1.03 13.17 -6.49
N LYS A 531 0.12 12.72 -5.94
CA LYS A 531 1.14 11.98 -6.66
C LYS A 531 1.52 10.67 -5.96
N PRO A 532 0.58 9.71 -5.76
CA PRO A 532 0.92 8.50 -4.98
C PRO A 532 2.07 7.63 -5.49
N THR A 533 2.14 7.41 -6.79
CA THR A 533 3.19 6.59 -7.44
C THR A 533 4.60 7.13 -7.17
N GLU A 534 4.79 8.44 -7.30
CA GLU A 534 6.08 9.08 -7.09
C GLU A 534 6.46 9.17 -5.63
N VAL A 535 5.47 9.42 -4.75
CA VAL A 535 5.67 9.41 -3.29
C VAL A 535 6.25 8.05 -2.91
N ASN A 536 5.60 6.96 -3.38
CA ASN A 536 6.00 5.59 -3.08
C ASN A 536 7.40 5.30 -3.60
N GLN A 537 7.68 5.70 -4.85
CA GLN A 537 9.00 5.49 -5.46
C GLN A 537 10.08 6.16 -4.58
N ILE A 538 9.86 7.45 -4.23
CA ILE A 538 10.76 8.24 -3.39
C ILE A 538 11.01 7.62 -2.01
N LEU A 539 9.93 7.27 -1.30
CA LEU A 539 10.03 6.70 0.04
C LEU A 539 10.72 5.36 0.09
N ILE A 540 10.34 4.44 -0.83
CA ILE A 540 10.89 3.07 -0.87
C ILE A 540 12.40 3.09 -1.16
N LYS A 541 12.83 3.89 -2.16
CA LYS A 541 14.23 4.07 -2.53
C LYS A 541 15.03 4.58 -1.32
N TRP A 542 14.54 5.63 -0.65
CA TRP A 542 15.17 6.20 0.56
C TRP A 542 15.16 5.20 1.73
N LEU A 543 14.00 4.54 2.01
CA LEU A 543 13.95 3.51 3.07
C LEU A 543 15.01 2.42 2.84
N ASP A 544 15.08 1.86 1.62
CA ASP A 544 16.03 0.78 1.31
C ASP A 544 17.50 1.16 1.39
N SER A 545 17.82 2.42 1.09
CA SER A 545 19.21 2.89 1.18
C SER A 545 19.60 3.39 2.58
N ASP A 546 18.68 4.12 3.27
CA ASP A 546 18.97 4.76 4.58
C ASP A 546 18.29 4.25 5.85
N ALA A 547 17.20 3.47 5.72
CA ALA A 547 16.47 3.02 6.90
C ALA A 547 16.55 1.54 7.23
N ARG A 548 17.21 0.71 6.38
CA ARG A 548 17.37 -0.75 6.54
C ARG A 548 16.27 -1.45 5.77
S SO4 B . -4.60 24.48 1.50
O1 SO4 B . -3.76 24.01 2.61
O2 SO4 B . -4.11 23.89 0.24
O3 SO4 B . -5.99 24.05 1.72
O4 SO4 B . -4.57 25.95 1.42
S SO4 C . -9.47 8.45 -7.69
O1 SO4 C . -9.88 8.74 -6.33
O2 SO4 C . -8.11 8.99 -7.91
O3 SO4 C . -9.50 6.98 -7.89
O4 SO4 C . -10.40 9.08 -8.64
S SO4 D . -20.30 -7.44 -15.34
O1 SO4 D . -21.03 -8.04 -14.21
O2 SO4 D . -18.86 -7.49 -15.09
O3 SO4 D . -20.59 -8.21 -16.58
O4 SO4 D . -20.71 -6.02 -15.50
C1 GOL E . -8.34 -14.23 -2.70
O1 GOL E . -8.33 -15.62 -2.68
C2 GOL E . -7.99 -13.62 -1.35
O2 GOL E . -7.85 -14.61 -0.39
C3 GOL E . -9.15 -12.73 -0.99
O3 GOL E . -8.73 -11.39 -1.25
C1 T5J F . -6.03 25.18 5.32
C2 T5J F . -4.69 24.71 5.78
C3 T5J F . -3.74 25.64 6.16
C4 T5J F . -2.50 25.20 6.57
C5 T5J F . -2.18 23.85 6.63
C6 T5J F . -3.14 22.94 6.24
C7 T5J F . -4.38 23.36 5.83
F8 T5J F . -5.29 22.43 5.46
N9 T5J F . -0.93 23.38 7.04
C10 T5J F . -0.06 23.97 7.96
C11 T5J F . 0.99 23.21 8.46
C12 T5J F . 1.87 23.76 9.37
C13 T5J F . 1.71 25.08 9.76
C14 T5J F . 0.64 25.79 9.21
N15 T5J F . -0.21 25.26 8.32
C16 T5J F . 0.43 27.11 9.60
C17 T5J F . 1.23 27.75 10.50
C18 T5J F . 2.31 27.08 11.03
C19 T5J F . 2.52 25.76 10.66
O20 T5J F . 3.59 25.15 11.25
C21 T5J F . 2.97 22.83 9.82
#